data_2PV3
#
_entry.id   2PV3
#
_cell.length_a   148.33
_cell.length_b   148.33
_cell.length_c   188.68
_cell.angle_alpha   90.000
_cell.angle_beta   90.000
_cell.angle_gamma   120.000
#
_symmetry.space_group_name_H-M   'P 32 2 1'
#
loop_
_entity.id
_entity.type
_entity.pdbx_description
1 polymer 'Chaperone surA'
2 polymer C-peptide
#
loop_
_entity_poly.entity_id
_entity_poly.type
_entity_poly.pdbx_seq_one_letter_code
_entity_poly.pdbx_strand_id
1 'polypeptide(L)'
;APQVVDKVAAVVNNGVVLESDVDGLMQSVKLNAAQARQQLPDDATLRHQIMERLIMDQIILQMGQKMGVKISDEQLDQAI
ANIAKQNNMTLDQMRSRLAYDGLNYNTYRNQIRKEMIISEVRNNEVRRRITILPQEVESLAQQVGNQNDASTELNLSHIL
IPLPENPTSDQVNEAESQARAIVDQARNGADFGKLAIAHSADQQALNGGQMGWGRIQELPGIFAQALSTAKKGDIVGPIR
SGVGFHILKVNDLRGESKNISAAQKDRAYRMLMNRKFSEEAASWMQEQRASAYVKILSN
;
A,B
2 'polypeptide(L)' NFTLKFWDIFRK C
#
# COMPACT_ATOMS: atom_id res chain seq x y z
N VAL A 5 -38.94 -21.29 21.04
CA VAL A 5 -39.03 -20.62 19.70
C VAL A 5 -37.62 -20.09 19.37
N ASP A 6 -36.88 -20.83 18.55
CA ASP A 6 -35.64 -20.32 17.97
C ASP A 6 -36.02 -19.48 16.79
N LYS A 7 -36.48 -18.27 17.09
CA LYS A 7 -37.03 -17.40 16.08
C LYS A 7 -36.00 -17.35 15.00
N VAL A 8 -36.44 -17.52 13.77
CA VAL A 8 -35.56 -17.61 12.62
C VAL A 8 -35.52 -16.30 11.87
N ALA A 9 -34.32 -15.71 11.80
CA ALA A 9 -34.11 -14.48 11.07
C ALA A 9 -34.18 -14.79 9.60
N ALA A 10 -33.54 -15.89 9.20
CA ALA A 10 -33.62 -16.35 7.81
C ALA A 10 -33.09 -17.78 7.52
N VAL A 11 -33.31 -18.20 6.27
CA VAL A 11 -32.99 -19.53 5.84
C VAL A 11 -31.93 -19.42 4.77
N VAL A 12 -30.82 -20.13 4.95
CA VAL A 12 -29.79 -20.17 3.93
C VAL A 12 -29.60 -21.61 3.53
N ASN A 13 -29.85 -21.90 2.25
CA ASN A 13 -29.76 -23.26 1.72
C ASN A 13 -30.32 -24.26 2.75
N ASN A 14 -29.55 -25.28 3.14
CA ASN A 14 -30.09 -26.29 4.05
C ASN A 14 -29.69 -25.98 5.50
N GLY A 15 -30.00 -24.74 5.92
CA GLY A 15 -29.76 -24.25 7.29
C GLY A 15 -30.34 -22.84 7.52
N VAL A 16 -30.07 -22.27 8.70
CA VAL A 16 -30.70 -20.99 9.10
C VAL A 16 -29.86 -19.98 9.86
N VAL A 17 -30.30 -18.74 9.77
CA VAL A 17 -29.85 -17.65 10.62
C VAL A 17 -30.93 -17.33 11.67
N LEU A 18 -30.55 -17.34 12.95
CA LEU A 18 -31.52 -17.06 14.01
C LEU A 18 -31.55 -15.58 14.35
N GLU A 19 -32.55 -15.17 15.13
CA GLU A 19 -32.56 -13.83 15.69
C GLU A 19 -31.49 -13.77 16.76
N SER A 20 -31.37 -14.85 17.54
CA SER A 20 -30.21 -15.05 18.41
C SER A 20 -28.88 -14.64 17.74
N ASP A 21 -28.60 -15.22 16.57
CA ASP A 21 -27.39 -14.96 15.79
C ASP A 21 -27.27 -13.48 15.50
N VAL A 22 -28.33 -12.92 14.93
CA VAL A 22 -28.36 -11.49 14.64
C VAL A 22 -28.36 -10.63 15.90
N ASP A 23 -29.41 -10.69 16.70
CA ASP A 23 -29.51 -9.78 17.85
C ASP A 23 -28.23 -9.79 18.70
N GLY A 24 -27.48 -10.89 18.65
CA GLY A 24 -26.13 -10.99 19.25
C GLY A 24 -25.06 -10.10 18.64
N LEU A 25 -24.48 -10.51 17.52
CA LEU A 25 -23.42 -9.70 16.89
C LEU A 25 -23.86 -8.25 16.72
N MET A 26 -25.10 -8.06 16.27
CA MET A 26 -25.74 -6.75 16.15
C MET A 26 -25.39 -5.84 17.34
N GLN A 27 -25.22 -6.42 18.53
CA GLN A 27 -24.75 -5.66 19.70
C GLN A 27 -23.23 -5.46 19.65
N SER A 28 -22.47 -6.56 19.61
CA SER A 28 -20.99 -6.48 19.60
C SER A 28 -20.49 -5.44 18.60
N VAL A 29 -21.28 -5.18 17.57
CA VAL A 29 -21.03 -4.09 16.65
C VAL A 29 -21.10 -2.73 17.33
N LYS A 30 -22.29 -2.36 17.80
CA LYS A 30 -22.52 -1.02 18.39
C LYS A 30 -21.57 -0.76 19.57
N LEU A 31 -21.17 -1.85 20.24
CA LEU A 31 -20.11 -1.81 21.26
C LEU A 31 -18.76 -1.49 20.62
N ASN A 32 -18.15 -2.46 19.92
CA ASN A 32 -16.84 -2.29 19.25
C ASN A 32 -16.83 -1.20 18.18
N ALA A 33 -17.87 -0.36 18.15
CA ALA A 33 -17.96 0.82 17.29
C ALA A 33 -17.89 2.10 18.12
N ALA A 34 -18.72 2.19 19.16
CA ALA A 34 -18.65 3.29 20.12
C ALA A 34 -17.50 3.10 21.14
N GLN A 35 -16.86 1.93 21.09
CA GLN A 35 -15.65 1.65 21.87
C GLN A 35 -14.40 2.08 21.09
N ALA A 36 -14.58 2.44 19.83
CA ALA A 36 -13.52 3.04 19.01
C ALA A 36 -14.03 4.19 18.15
N ARG A 37 -15.04 4.92 18.66
CA ARG A 37 -15.49 6.24 18.15
C ARG A 37 -16.38 6.30 16.87
N GLN A 38 -16.22 5.37 15.93
CA GLN A 38 -16.91 5.47 14.61
C GLN A 38 -18.41 5.19 14.70
N GLN A 39 -19.21 6.16 14.24
CA GLN A 39 -20.68 6.09 14.28
C GLN A 39 -21.19 5.09 13.25
N LEU A 40 -22.49 4.77 13.33
CA LEU A 40 -23.07 3.63 12.59
C LEU A 40 -24.26 4.00 11.70
N PRO A 41 -24.60 3.12 10.73
CA PRO A 41 -25.76 3.35 9.88
C PRO A 41 -27.09 3.36 10.66
N ASP A 42 -28.19 3.42 9.92
CA ASP A 42 -29.53 3.32 10.52
C ASP A 42 -29.66 1.95 11.17
N ASP A 43 -30.16 1.92 12.40
CA ASP A 43 -30.42 0.65 13.08
C ASP A 43 -31.26 -0.26 12.19
N ALA A 44 -32.00 0.33 11.25
CA ALA A 44 -32.76 -0.40 10.24
C ALA A 44 -31.86 -1.11 9.23
N THR A 45 -31.02 -0.34 8.54
CA THR A 45 -30.12 -0.89 7.51
C THR A 45 -28.94 -1.64 8.11
N LEU A 46 -28.40 -1.14 9.24
CA LEU A 46 -27.37 -1.84 10.03
C LEU A 46 -27.76 -3.31 10.26
N ARG A 47 -29.02 -3.51 10.61
CA ARG A 47 -29.57 -4.84 10.68
C ARG A 47 -29.36 -5.50 9.32
N HIS A 48 -29.96 -4.90 8.29
CA HIS A 48 -29.90 -5.44 6.92
C HIS A 48 -28.48 -5.87 6.52
N GLN A 49 -27.51 -5.09 6.98
CA GLN A 49 -26.10 -5.41 6.76
C GLN A 49 -25.75 -6.66 7.55
N ILE A 50 -25.87 -6.58 8.87
CA ILE A 50 -25.59 -7.74 9.73
C ILE A 50 -26.30 -9.01 9.24
N MET A 51 -27.45 -8.81 8.60
CA MET A 51 -28.17 -9.90 7.93
C MET A 51 -27.28 -10.50 6.83
N GLU A 52 -27.00 -9.68 5.79
CA GLU A 52 -26.19 -10.11 4.63
C GLU A 52 -24.95 -10.87 5.08
N ARG A 53 -24.29 -10.28 6.07
CA ARG A 53 -23.14 -10.88 6.73
C ARG A 53 -23.48 -12.29 7.16
N LEU A 54 -24.48 -12.40 8.03
CA LEU A 54 -24.80 -13.66 8.69
C LEU A 54 -25.27 -14.73 7.73
N ILE A 55 -25.94 -14.29 6.68
CA ILE A 55 -26.39 -15.17 5.61
C ILE A 55 -25.17 -15.81 4.97
N MET A 56 -24.28 -14.93 4.50
CA MET A 56 -23.09 -15.35 3.77
C MET A 56 -22.33 -16.34 4.63
N ASP A 57 -22.00 -15.92 5.86
CA ASP A 57 -21.31 -16.79 6.81
C ASP A 57 -21.90 -18.19 6.76
N GLN A 58 -23.21 -18.26 6.56
CA GLN A 58 -23.88 -19.54 6.47
C GLN A 58 -23.47 -20.26 5.18
N ILE A 59 -23.81 -19.68 4.03
CA ILE A 59 -23.57 -20.34 2.73
C ILE A 59 -22.24 -21.07 2.76
N ILE A 60 -21.22 -20.28 3.11
CA ILE A 60 -19.82 -20.63 2.93
C ILE A 60 -19.39 -21.51 4.09
N LEU A 61 -20.10 -21.39 5.19
CA LEU A 61 -19.89 -22.24 6.35
C LEU A 61 -20.50 -23.62 6.14
N GLN A 62 -21.61 -23.64 5.37
CA GLN A 62 -22.20 -24.89 4.91
C GLN A 62 -21.24 -25.52 3.90
N MET A 63 -20.89 -24.75 2.86
CA MET A 63 -19.85 -25.12 1.89
C MET A 63 -18.70 -25.79 2.62
N GLY A 64 -18.36 -25.23 3.77
CA GLY A 64 -17.39 -25.83 4.67
C GLY A 64 -17.81 -27.18 5.15
N GLN A 65 -18.97 -27.27 5.81
CA GLN A 65 -19.49 -28.54 6.27
C GLN A 65 -19.50 -29.58 5.15
N LYS A 66 -19.81 -29.13 3.93
CA LYS A 66 -19.91 -30.02 2.75
C LYS A 66 -18.56 -30.63 2.38
N MET A 67 -17.55 -29.77 2.24
CA MET A 67 -16.18 -30.21 1.98
C MET A 67 -15.60 -30.69 3.31
N GLY A 68 -14.52 -31.45 3.30
CA GLY A 68 -14.03 -32.05 4.54
C GLY A 68 -13.28 -31.12 5.48
N VAL A 69 -13.85 -29.95 5.78
CA VAL A 69 -13.12 -28.88 6.50
C VAL A 69 -13.28 -28.96 7.99
N LYS A 70 -12.29 -29.53 8.67
CA LYS A 70 -12.17 -29.37 10.10
C LYS A 70 -11.05 -28.37 10.32
N ILE A 71 -10.90 -27.94 11.57
CA ILE A 71 -9.80 -27.07 11.99
C ILE A 71 -9.19 -27.65 13.24
N SER A 72 -7.88 -27.90 13.23
CA SER A 72 -7.28 -28.67 14.31
C SER A 72 -7.42 -27.95 15.65
N ASP A 73 -7.27 -28.72 16.71
CA ASP A 73 -7.55 -28.25 18.06
C ASP A 73 -6.42 -27.30 18.47
N GLU A 74 -5.19 -27.80 18.39
CA GLU A 74 -3.96 -27.02 18.61
C GLU A 74 -4.03 -25.69 17.88
N GLN A 75 -4.66 -25.73 16.71
CA GLN A 75 -4.75 -24.60 15.81
C GLN A 75 -5.68 -23.54 16.38
N LEU A 76 -6.95 -23.91 16.58
CA LEU A 76 -7.91 -23.01 17.23
C LEU A 76 -7.32 -22.54 18.56
N ASP A 77 -6.83 -23.49 19.36
CA ASP A 77 -6.17 -23.17 20.64
C ASP A 77 -5.19 -22.01 20.52
N GLN A 78 -4.18 -22.18 19.65
CA GLN A 78 -3.21 -21.12 19.42
C GLN A 78 -3.97 -19.84 19.11
N ALA A 79 -4.88 -19.94 18.15
CA ALA A 79 -5.53 -18.78 17.57
C ALA A 79 -6.11 -17.83 18.61
N ILE A 80 -6.71 -18.39 19.66
CA ILE A 80 -7.42 -17.58 20.67
C ILE A 80 -6.42 -16.85 21.56
N ALA A 81 -5.48 -17.64 22.06
CA ALA A 81 -4.46 -17.19 23.00
C ALA A 81 -3.69 -16.00 22.43
N ASN A 82 -3.64 -15.94 21.10
CA ASN A 82 -2.94 -14.88 20.37
C ASN A 82 -3.76 -13.59 20.18
N ILE A 83 -5.09 -13.66 20.32
CA ILE A 83 -5.87 -12.41 20.37
C ILE A 83 -6.15 -12.07 21.83
N ALA A 84 -6.08 -13.09 22.67
CA ALA A 84 -6.04 -12.88 24.11
C ALA A 84 -4.93 -11.87 24.38
N LYS A 85 -3.69 -12.30 24.13
CA LYS A 85 -2.55 -11.43 24.23
C LYS A 85 -2.85 -10.13 23.48
N GLN A 86 -3.18 -10.20 22.19
CA GLN A 86 -3.28 -8.98 21.36
C GLN A 86 -4.00 -7.74 21.95
N ASN A 87 -5.20 -7.92 22.49
CA ASN A 87 -5.98 -6.80 23.04
C ASN A 87 -5.65 -6.51 24.52
N ASN A 88 -4.58 -7.15 24.99
CA ASN A 88 -3.98 -6.87 26.30
C ASN A 88 -4.62 -7.68 27.40
N MET A 89 -4.70 -9.00 27.18
CA MET A 89 -5.41 -9.89 28.13
C MET A 89 -4.58 -11.15 28.44
N THR A 90 -5.21 -12.26 28.84
CA THR A 90 -4.47 -13.51 29.19
C THR A 90 -5.32 -14.80 29.23
N LEU A 91 -4.61 -15.93 29.39
CA LEU A 91 -5.15 -17.29 29.20
C LEU A 91 -6.48 -17.58 29.92
N ASP A 92 -6.42 -17.97 31.19
CA ASP A 92 -7.64 -18.30 31.96
C ASP A 92 -8.42 -17.01 32.25
N GLN A 93 -7.68 -15.94 32.45
CA GLN A 93 -8.25 -14.63 32.73
C GLN A 93 -9.10 -14.11 31.58
N MET A 94 -8.82 -14.55 30.35
CA MET A 94 -9.71 -14.28 29.23
C MET A 94 -11.11 -14.74 29.62
N ARG A 95 -11.24 -16.03 29.97
CA ARG A 95 -12.54 -16.63 30.31
C ARG A 95 -13.41 -15.63 31.07
N SER A 96 -12.91 -15.20 32.23
CA SER A 96 -13.69 -14.34 33.12
C SER A 96 -13.74 -12.86 32.70
N ARG A 97 -13.67 -12.57 31.39
CA ARG A 97 -13.85 -11.18 30.90
C ARG A 97 -15.00 -11.04 29.90
N LEU A 98 -15.27 -12.10 29.16
CA LEU A 98 -16.46 -12.19 28.33
C LEU A 98 -17.50 -13.05 29.05
N ALA A 99 -17.04 -14.05 29.80
CA ALA A 99 -17.91 -14.75 30.76
C ALA A 99 -18.43 -13.77 31.82
N TYR A 100 -17.75 -12.64 31.93
CA TYR A 100 -18.13 -11.53 32.79
C TYR A 100 -18.75 -10.40 31.94
N ASP A 101 -19.00 -10.69 30.66
CA ASP A 101 -19.65 -9.73 29.76
C ASP A 101 -20.85 -10.31 29.00
N GLY A 102 -21.27 -11.53 29.36
CA GLY A 102 -22.47 -12.15 28.79
C GLY A 102 -22.28 -13.53 28.21
N LEU A 103 -21.03 -13.96 28.02
CA LEU A 103 -20.69 -15.12 27.17
C LEU A 103 -20.11 -16.29 27.95
N ASN A 104 -19.77 -17.36 27.23
CA ASN A 104 -19.07 -18.50 27.80
C ASN A 104 -17.75 -18.67 27.08
N TYR A 105 -17.01 -19.71 27.47
CA TYR A 105 -15.84 -20.15 26.73
C TYR A 105 -16.29 -20.70 25.37
N ASN A 106 -17.34 -21.51 25.39
CA ASN A 106 -17.89 -22.13 24.16
C ASN A 106 -18.83 -21.23 23.33
N THR A 107 -19.25 -20.09 23.86
CA THR A 107 -19.88 -19.08 23.04
C THR A 107 -18.81 -18.39 22.19
N TYR A 108 -17.55 -18.71 22.46
CA TYR A 108 -16.39 -18.14 21.77
C TYR A 108 -15.64 -19.22 21.00
N ARG A 109 -15.21 -20.27 21.72
CA ARG A 109 -14.45 -21.35 21.11
C ARG A 109 -15.15 -21.86 19.85
N ASN A 110 -16.27 -22.57 20.00
CA ASN A 110 -17.03 -23.00 18.81
C ASN A 110 -17.32 -21.83 17.87
N GLN A 111 -17.49 -20.63 18.43
CA GLN A 111 -17.81 -19.44 17.65
C GLN A 111 -16.65 -18.94 16.80
N ILE A 112 -15.40 -19.22 17.20
CA ILE A 112 -14.20 -18.74 16.50
C ILE A 112 -13.88 -19.67 15.35
N ARG A 113 -13.92 -20.97 15.63
CA ARG A 113 -13.78 -22.00 14.62
C ARG A 113 -14.71 -21.72 13.43
N LYS A 114 -15.91 -21.21 13.70
CA LYS A 114 -16.82 -20.84 12.63
C LYS A 114 -16.14 -19.78 11.79
N GLU A 115 -15.55 -18.78 12.45
CA GLU A 115 -14.79 -17.75 11.73
C GLU A 115 -13.66 -18.37 10.93
N MET A 116 -12.94 -19.30 11.56
CA MET A 116 -11.72 -19.86 10.96
C MET A 116 -12.02 -20.70 9.71
N ILE A 117 -12.97 -21.64 9.81
CA ILE A 117 -13.32 -22.48 8.66
C ILE A 117 -13.97 -21.62 7.58
N ILE A 118 -14.62 -20.54 7.97
CA ILE A 118 -15.15 -19.63 6.98
C ILE A 118 -14.00 -18.99 6.25
N SER A 119 -13.05 -18.41 6.97
CA SER A 119 -11.87 -17.79 6.34
C SER A 119 -11.22 -18.77 5.36
N GLU A 120 -10.99 -19.99 5.85
CA GLU A 120 -10.49 -21.15 5.05
C GLU A 120 -11.20 -21.37 3.70
N VAL A 121 -12.37 -21.97 3.71
CA VAL A 121 -13.06 -22.25 2.47
C VAL A 121 -13.35 -20.99 1.63
N ARG A 122 -13.11 -19.79 2.16
CA ARG A 122 -13.38 -18.56 1.41
C ARG A 122 -12.17 -18.16 0.61
N ASN A 123 -10.98 -18.31 1.22
CA ASN A 123 -9.69 -18.09 0.56
C ASN A 123 -9.40 -19.28 -0.33
N ASN A 124 -9.17 -20.41 0.31
CA ASN A 124 -9.03 -21.68 -0.35
C ASN A 124 -9.80 -21.73 -1.67
N GLU A 125 -10.95 -21.06 -1.73
CA GLU A 125 -11.76 -21.06 -2.96
C GLU A 125 -11.49 -19.92 -3.93
N VAL A 126 -11.17 -18.73 -3.43
CA VAL A 126 -10.81 -17.67 -4.37
C VAL A 126 -9.36 -17.83 -4.72
N ARG A 127 -8.62 -18.60 -3.92
CA ARG A 127 -7.25 -18.97 -4.25
C ARG A 127 -7.28 -19.71 -5.60
N ARG A 128 -7.99 -20.83 -5.67
CA ARG A 128 -8.14 -21.62 -6.91
C ARG A 128 -8.73 -20.84 -8.09
N ARG A 129 -8.99 -19.55 -7.90
CA ARG A 129 -9.76 -18.81 -8.86
C ARG A 129 -8.92 -17.79 -9.61
N ILE A 130 -7.79 -17.36 -9.03
CA ILE A 130 -6.89 -16.33 -9.61
C ILE A 130 -5.82 -16.94 -10.49
N THR A 131 -5.59 -16.32 -11.66
CA THR A 131 -4.49 -16.72 -12.56
C THR A 131 -3.86 -15.51 -13.27
N ILE A 132 -2.60 -15.28 -12.90
CA ILE A 132 -1.82 -14.15 -13.39
C ILE A 132 -1.01 -14.62 -14.59
N LEU A 133 -1.12 -13.89 -15.69
CA LEU A 133 -0.42 -14.24 -16.91
C LEU A 133 0.87 -13.46 -17.03
N PRO A 134 1.98 -14.12 -17.44
CA PRO A 134 3.28 -13.49 -17.62
C PRO A 134 3.19 -12.12 -18.25
N GLN A 135 2.36 -12.04 -19.29
CA GLN A 135 2.04 -10.80 -19.99
C GLN A 135 1.63 -9.66 -19.01
N GLU A 136 0.62 -9.96 -18.17
CA GLU A 136 0.10 -9.04 -17.14
C GLU A 136 1.22 -8.56 -16.26
N VAL A 137 1.95 -9.52 -15.68
CA VAL A 137 3.11 -9.23 -14.80
C VAL A 137 4.14 -8.37 -15.52
N GLU A 138 4.57 -8.82 -16.70
CA GLU A 138 5.56 -8.07 -17.48
C GLU A 138 5.01 -6.67 -17.72
N SER A 139 3.87 -6.59 -18.40
CA SER A 139 3.25 -5.31 -18.70
C SER A 139 3.24 -4.38 -17.46
N LEU A 140 2.71 -4.86 -16.35
CA LEU A 140 2.57 -4.04 -15.15
C LEU A 140 3.92 -3.54 -14.65
N ALA A 141 4.87 -4.45 -14.55
CA ALA A 141 6.22 -4.14 -14.06
C ALA A 141 6.89 -3.04 -14.89
N GLN A 142 6.63 -3.03 -16.20
CA GLN A 142 7.19 -2.01 -17.08
C GLN A 142 6.57 -0.67 -16.73
N GLN A 143 5.30 -0.69 -16.30
CA GLN A 143 4.61 0.55 -15.93
C GLN A 143 4.98 1.05 -14.54
N VAL A 144 5.06 0.15 -13.56
CA VAL A 144 5.49 0.52 -12.22
C VAL A 144 6.91 1.10 -12.26
N GLY A 145 7.64 0.81 -13.34
CA GLY A 145 8.92 1.45 -13.60
C GLY A 145 8.80 2.92 -13.98
N ASN A 146 7.87 3.22 -14.89
CA ASN A 146 7.60 4.61 -15.29
C ASN A 146 7.25 5.49 -14.09
N GLN A 147 6.64 4.87 -13.07
CA GLN A 147 6.25 5.56 -11.85
C GLN A 147 7.40 5.77 -10.88
N ASN A 148 8.48 5.00 -11.03
CA ASN A 148 9.59 4.98 -10.05
C ASN A 148 9.81 6.33 -9.37
N ASP A 149 8.88 6.64 -8.45
CA ASP A 149 8.94 7.87 -7.68
C ASP A 149 8.94 7.47 -6.19
N ALA A 150 10.10 7.05 -5.68
CA ALA A 150 10.21 6.55 -4.29
C ALA A 150 10.33 7.68 -3.24
N SER A 151 11.57 8.07 -2.91
CA SER A 151 11.81 9.27 -2.12
C SER A 151 12.23 10.35 -3.10
N THR A 152 11.41 10.54 -4.13
CA THR A 152 11.78 11.32 -5.32
C THR A 152 11.67 12.83 -5.07
N GLU A 153 12.79 13.43 -4.66
CA GLU A 153 12.89 14.89 -4.49
C GLU A 153 12.16 15.61 -5.61
N LEU A 154 11.39 16.62 -5.26
CA LEU A 154 10.44 17.19 -6.19
C LEU A 154 10.06 18.62 -5.80
N ASN A 155 10.41 19.57 -6.67
CA ASN A 155 9.98 20.97 -6.55
C ASN A 155 8.65 21.12 -7.28
N LEU A 156 7.78 21.97 -6.76
CA LEU A 156 6.51 22.24 -7.44
C LEU A 156 5.87 23.55 -6.97
N SER A 157 4.96 24.06 -7.80
CA SER A 157 4.22 25.27 -7.49
C SER A 157 2.80 24.88 -7.10
N HIS A 158 2.01 25.85 -6.66
CA HIS A 158 0.68 25.57 -6.11
C HIS A 158 -0.33 26.67 -6.44
N ILE A 159 -1.51 26.25 -6.88
CA ILE A 159 -2.66 27.15 -7.03
C ILE A 159 -3.82 26.58 -6.25
N LEU A 160 -4.36 27.39 -5.33
CA LEU A 160 -5.55 27.01 -4.59
C LEU A 160 -6.75 27.80 -5.08
N ILE A 161 -7.79 27.07 -5.49
CA ILE A 161 -9.10 27.65 -5.70
C ILE A 161 -9.98 27.16 -4.54
N PRO A 162 -10.07 27.97 -3.45
CA PRO A 162 -10.71 27.53 -2.22
C PRO A 162 -12.24 27.62 -2.22
N LEU A 163 -12.87 26.66 -1.55
CA LEU A 163 -14.32 26.68 -1.32
C LEU A 163 -14.56 26.99 0.16
N PRO A 164 -15.81 27.37 0.51
CA PRO A 164 -16.20 27.43 1.91
C PRO A 164 -16.15 26.04 2.58
N GLU A 165 -16.54 25.97 3.85
CA GLU A 165 -16.48 24.71 4.59
C GLU A 165 -17.46 23.67 4.05
N ASN A 166 -18.74 24.04 3.96
CA ASN A 166 -19.77 23.15 3.42
C ASN A 166 -20.63 23.86 2.38
N PRO A 167 -20.14 23.95 1.14
CA PRO A 167 -20.87 24.57 0.05
C PRO A 167 -21.82 23.62 -0.68
N THR A 168 -22.77 24.18 -1.40
CA THR A 168 -23.61 23.41 -2.32
C THR A 168 -22.81 23.12 -3.57
N SER A 169 -23.36 22.30 -4.46
CA SER A 169 -22.73 22.04 -5.77
C SER A 169 -22.76 23.28 -6.70
N ASP A 170 -23.56 24.27 -6.35
CA ASP A 170 -23.57 25.57 -7.04
C ASP A 170 -22.30 26.39 -6.75
N GLN A 171 -21.81 26.34 -5.51
CA GLN A 171 -20.56 26.97 -5.14
C GLN A 171 -19.33 26.16 -5.59
N VAL A 172 -19.50 24.84 -5.72
CA VAL A 172 -18.42 23.91 -6.10
C VAL A 172 -18.12 23.95 -7.60
N ASN A 173 -19.17 23.82 -8.42
CA ASN A 173 -19.00 23.74 -9.88
C ASN A 173 -18.27 24.94 -10.49
N GLU A 174 -18.32 26.08 -9.82
CA GLU A 174 -17.64 27.30 -10.29
C GLU A 174 -16.13 27.14 -10.16
N ALA A 175 -15.69 26.76 -8.96
CA ALA A 175 -14.28 26.45 -8.71
C ALA A 175 -13.81 25.24 -9.54
N GLU A 176 -14.66 24.22 -9.63
CA GLU A 176 -14.34 22.99 -10.37
C GLU A 176 -13.94 23.29 -11.82
N SER A 177 -14.77 24.06 -12.51
CA SER A 177 -14.54 24.41 -13.91
C SER A 177 -13.49 25.51 -14.06
N GLN A 178 -13.52 26.49 -13.15
CA GLN A 178 -12.54 27.60 -13.15
C GLN A 178 -11.09 27.10 -13.09
N ALA A 179 -10.89 25.97 -12.43
CA ALA A 179 -9.57 25.35 -12.31
C ALA A 179 -9.09 24.86 -13.67
N ARG A 180 -9.88 24.00 -14.31
CA ARG A 180 -9.55 23.41 -15.61
C ARG A 180 -9.22 24.45 -16.69
N ALA A 181 -9.78 25.65 -16.56
CA ALA A 181 -9.41 26.78 -17.41
C ALA A 181 -7.97 27.21 -17.15
N ILE A 182 -7.62 27.34 -15.87
CA ILE A 182 -6.25 27.67 -15.45
C ILE A 182 -5.32 26.51 -15.78
N VAL A 183 -5.82 25.28 -15.62
CA VAL A 183 -5.06 24.06 -15.97
C VAL A 183 -4.58 24.14 -17.42
N ASP A 184 -5.48 24.50 -18.33
CA ASP A 184 -5.15 24.55 -19.76
C ASP A 184 -4.23 25.71 -20.09
N GLN A 185 -4.55 26.90 -19.58
CA GLN A 185 -3.74 28.11 -19.80
C GLN A 185 -2.41 28.11 -19.02
N ALA A 186 -2.27 27.17 -18.09
CA ALA A 186 -0.97 26.88 -17.50
C ALA A 186 -0.09 26.19 -18.53
N ARG A 187 -0.65 25.18 -19.21
CA ARG A 187 0.04 24.44 -20.26
C ARG A 187 0.28 25.28 -21.53
N ASN A 188 -0.26 26.50 -21.54
CA ASN A 188 -0.02 27.47 -22.62
C ASN A 188 0.51 28.80 -22.06
N ASP A 191 3.16 31.68 -17.80
CA ASP A 191 3.77 30.95 -16.69
C ASP A 191 2.74 30.63 -15.63
N PHE A 192 3.04 29.62 -14.83
CA PHE A 192 2.24 29.26 -13.67
C PHE A 192 2.44 30.28 -12.55
N GLY A 193 3.70 30.63 -12.29
CA GLY A 193 4.05 31.60 -11.24
C GLY A 193 3.29 32.91 -11.31
N LYS A 194 3.11 33.41 -12.52
CA LYS A 194 2.30 34.61 -12.74
C LYS A 194 0.81 34.29 -12.50
N LEU A 195 0.36 33.15 -13.01
CA LEU A 195 -1.04 32.71 -12.85
C LEU A 195 -1.39 32.35 -11.40
N ALA A 196 -0.37 32.09 -10.58
CA ALA A 196 -0.54 31.76 -9.17
C ALA A 196 -0.97 33.01 -8.39
N ILE A 197 -0.21 34.09 -8.59
CA ILE A 197 -0.51 35.36 -7.98
C ILE A 197 -1.91 35.81 -8.43
N ALA A 198 -2.24 35.49 -9.68
CA ALA A 198 -3.53 35.84 -10.28
C ALA A 198 -4.70 34.95 -9.86
N HIS A 199 -4.49 33.99 -8.95
CA HIS A 199 -5.58 33.14 -8.48
C HIS A 199 -5.34 32.48 -7.13
N SER A 200 -4.18 31.85 -6.95
CA SER A 200 -3.90 31.05 -5.75
C SER A 200 -4.26 31.81 -4.47
N ALA A 201 -4.77 31.08 -3.49
CA ALA A 201 -5.27 31.68 -2.25
C ALA A 201 -4.58 31.14 -0.99
N ASP A 202 -3.32 30.69 -1.13
CA ASP A 202 -2.51 30.25 0.01
C ASP A 202 -1.46 31.31 0.35
N GLN A 203 -0.77 31.14 1.48
CA GLN A 203 0.26 32.09 1.90
C GLN A 203 1.35 32.26 0.85
N GLN A 204 1.70 31.17 0.17
CA GLN A 204 2.66 31.21 -0.92
C GLN A 204 1.94 31.36 -2.26
N ALA A 205 1.07 32.38 -2.34
CA ALA A 205 0.31 32.68 -3.57
C ALA A 205 0.93 33.85 -4.33
N LEU A 206 1.18 34.93 -3.59
CA LEU A 206 1.80 36.13 -4.13
C LEU A 206 3.29 35.92 -4.33
N ASN A 207 3.82 34.88 -3.68
CA ASN A 207 5.19 34.42 -3.90
C ASN A 207 5.28 33.46 -5.12
N GLY A 208 4.16 33.30 -5.84
CA GLY A 208 4.13 32.61 -7.14
C GLY A 208 3.80 31.13 -7.08
N GLY A 209 3.03 30.73 -6.06
CA GLY A 209 2.71 29.32 -5.86
C GLY A 209 3.89 28.46 -5.45
N GLN A 210 5.06 29.08 -5.28
CA GLN A 210 6.30 28.33 -5.10
C GLN A 210 6.39 27.70 -3.72
N MET A 211 6.17 26.38 -3.67
CA MET A 211 6.25 25.63 -2.42
C MET A 211 7.70 25.29 -2.08
N GLY A 212 8.51 25.00 -3.11
CA GLY A 212 9.91 24.64 -2.91
C GLY A 212 10.20 23.17 -3.16
N TRP A 213 11.48 22.81 -3.07
CA TRP A 213 11.89 21.41 -3.17
C TRP A 213 11.32 20.65 -1.99
N GLY A 214 10.99 19.38 -2.19
CA GLY A 214 10.57 18.52 -1.09
C GLY A 214 10.21 17.12 -1.54
N ARG A 215 10.57 16.13 -0.74
CA ARG A 215 10.33 14.73 -1.07
C ARG A 215 8.87 14.47 -1.34
N ILE A 216 8.61 13.47 -2.18
CA ILE A 216 7.25 13.06 -2.55
C ILE A 216 6.52 12.45 -1.34
N GLN A 217 7.32 11.96 -0.39
CA GLN A 217 6.82 11.37 0.85
C GLN A 217 6.24 12.47 1.74
N GLU A 218 7.01 13.55 1.89
CA GLU A 218 6.60 14.68 2.73
C GLU A 218 5.35 15.40 2.23
N LEU A 219 4.95 15.16 0.98
CA LEU A 219 3.68 15.69 0.45
C LEU A 219 2.49 15.05 1.14
N PRO A 220 1.39 15.81 1.30
CA PRO A 220 0.08 15.25 1.64
C PRO A 220 -0.25 14.02 0.78
N GLY A 221 -0.53 12.90 1.45
CA GLY A 221 -0.80 11.63 0.78
C GLY A 221 -1.56 11.72 -0.53
N ILE A 222 -2.61 12.54 -0.56
CA ILE A 222 -3.51 12.63 -1.72
C ILE A 222 -2.84 13.19 -3.00
N PHE A 223 -1.79 13.98 -2.81
CA PHE A 223 -0.97 14.49 -3.90
C PHE A 223 0.01 13.42 -4.41
N ALA A 224 0.69 12.74 -3.47
CA ALA A 224 1.60 11.67 -3.81
C ALA A 224 0.96 10.57 -4.68
N GLN A 225 -0.36 10.41 -4.59
CA GLN A 225 -1.10 9.47 -5.44
C GLN A 225 -1.17 9.87 -6.91
N ALA A 226 -1.02 11.16 -7.18
CA ALA A 226 -1.11 11.70 -8.55
C ALA A 226 0.23 12.23 -9.12
N LEU A 227 1.21 12.42 -8.25
CA LEU A 227 2.54 12.80 -8.70
C LEU A 227 3.38 11.56 -8.99
N SER A 228 2.93 10.41 -8.51
CA SER A 228 3.63 9.15 -8.70
C SER A 228 3.95 8.90 -10.18
N THR A 229 3.00 9.24 -11.05
CA THR A 229 3.12 8.98 -12.49
C THR A 229 3.48 10.25 -13.30
N ALA A 230 4.34 11.10 -12.76
CA ALA A 230 4.67 12.38 -13.43
C ALA A 230 6.11 12.86 -13.20
N LYS A 231 6.52 13.77 -14.07
CA LYS A 231 7.92 14.23 -14.15
C LYS A 231 8.02 15.70 -14.61
N LYS A 232 9.24 16.24 -14.57
CA LYS A 232 9.53 17.65 -14.92
C LYS A 232 8.55 18.22 -15.94
N GLY A 233 7.91 19.33 -15.58
CA GLY A 233 7.00 20.02 -16.47
C GLY A 233 5.53 19.65 -16.31
N ASP A 234 5.26 18.43 -15.86
CA ASP A 234 3.88 17.95 -15.72
C ASP A 234 3.02 18.90 -14.87
N ILE A 235 1.72 18.90 -15.13
CA ILE A 235 0.76 19.70 -14.36
C ILE A 235 -0.40 18.82 -13.93
N VAL A 236 -0.42 18.48 -12.64
CA VAL A 236 -1.42 17.56 -12.06
C VAL A 236 -2.51 18.33 -11.31
N GLY A 237 -3.72 17.80 -11.34
CA GLY A 237 -4.89 18.46 -10.74
C GLY A 237 -6.04 18.56 -11.73
N PRO A 238 -7.12 19.27 -11.35
CA PRO A 238 -7.34 19.89 -10.04
C PRO A 238 -7.87 18.91 -8.99
N ILE A 239 -7.12 18.72 -7.91
CA ILE A 239 -7.53 17.79 -6.84
C ILE A 239 -8.34 18.51 -5.77
N ARG A 240 -9.50 17.92 -5.43
CA ARG A 240 -10.37 18.48 -4.41
C ARG A 240 -10.07 17.85 -3.05
N SER A 241 -9.95 18.70 -2.03
CA SER A 241 -9.75 18.27 -0.64
C SER A 241 -10.62 19.07 0.32
N GLY A 242 -10.35 18.91 1.61
CA GLY A 242 -11.06 19.66 2.65
C GLY A 242 -11.26 21.12 2.34
N VAL A 243 -10.24 21.80 1.82
CA VAL A 243 -10.26 23.26 1.67
C VAL A 243 -10.66 23.78 0.28
N GLY A 244 -10.68 22.91 -0.73
CA GLY A 244 -11.05 23.31 -2.10
C GLY A 244 -10.24 22.59 -3.18
N PHE A 245 -10.16 23.20 -4.36
CA PHE A 245 -9.42 22.60 -5.48
C PHE A 245 -8.00 23.14 -5.56
N HIS A 246 -7.02 22.21 -5.58
CA HIS A 246 -5.60 22.56 -5.71
C HIS A 246 -5.12 22.23 -7.12
N ILE A 247 -4.12 22.97 -7.60
CA ILE A 247 -3.40 22.64 -8.83
C ILE A 247 -1.90 22.72 -8.56
N LEU A 248 -1.13 21.85 -9.21
CA LEU A 248 0.31 21.78 -8.98
C LEU A 248 1.04 21.79 -10.31
N LYS A 249 2.11 22.55 -10.38
CA LYS A 249 3.02 22.47 -11.53
C LYS A 249 4.28 21.81 -11.05
N VAL A 250 4.78 20.85 -11.81
CA VAL A 250 6.01 20.17 -11.46
C VAL A 250 7.19 20.92 -12.06
N ASN A 251 8.31 20.92 -11.36
CA ASN A 251 9.47 21.67 -11.81
C ASN A 251 10.72 20.81 -12.01
N ASP A 252 10.96 19.84 -11.13
CA ASP A 252 12.15 18.98 -11.25
C ASP A 252 12.04 17.59 -10.60
N LEU A 253 13.10 16.78 -10.79
CA LEU A 253 13.29 15.50 -10.09
C LEU A 253 14.79 15.28 -9.79
N ALA A 262 15.59 -6.17 -10.09
CA ALA A 262 14.53 -7.15 -10.27
C ALA A 262 13.45 -7.07 -9.19
N ALA A 263 13.24 -5.86 -8.64
CA ALA A 263 12.24 -5.63 -7.57
C ALA A 263 10.93 -5.07 -8.11
N GLN A 264 10.90 -4.76 -9.41
CA GLN A 264 9.68 -4.40 -10.16
C GLN A 264 8.92 -5.64 -10.67
N LYS A 265 9.62 -6.74 -10.90
CA LYS A 265 8.97 -8.00 -11.28
C LYS A 265 8.38 -8.69 -10.04
N ASP A 266 8.59 -8.08 -8.87
CA ASP A 266 8.01 -8.52 -7.61
C ASP A 266 6.89 -7.57 -7.20
N ARG A 267 7.19 -6.27 -7.15
CA ARG A 267 6.16 -5.26 -6.83
C ARG A 267 4.97 -5.43 -7.77
N ALA A 268 5.25 -5.79 -9.02
CA ALA A 268 4.21 -6.02 -10.02
C ALA A 268 3.38 -7.20 -9.59
N TYR A 269 4.03 -8.32 -9.40
CA TYR A 269 3.35 -9.55 -9.01
C TYR A 269 2.56 -9.45 -7.72
N ARG A 270 3.20 -8.98 -6.64
CA ARG A 270 2.50 -8.77 -5.36
C ARG A 270 1.26 -7.92 -5.59
N MET A 271 1.39 -6.90 -6.44
CA MET A 271 0.25 -6.07 -6.84
C MET A 271 -0.87 -6.84 -7.55
N LEU A 272 -0.53 -7.71 -8.49
CA LEU A 272 -1.57 -8.51 -9.16
C LEU A 272 -2.10 -9.59 -8.25
N MET A 273 -1.22 -10.43 -7.74
CA MET A 273 -1.62 -11.50 -6.83
C MET A 273 -2.60 -10.96 -5.76
N ASN A 274 -2.49 -9.67 -5.45
CA ASN A 274 -3.43 -8.94 -4.57
C ASN A 274 -4.67 -8.32 -5.31
N ARG A 275 -4.45 -7.28 -6.11
CA ARG A 275 -5.47 -6.75 -7.03
C ARG A 275 -6.40 -7.83 -7.56
N LYS A 276 -5.87 -9.02 -7.86
CA LYS A 276 -6.69 -10.10 -8.41
C LYS A 276 -7.50 -10.80 -7.34
N PHE A 277 -6.85 -11.17 -6.23
CA PHE A 277 -7.55 -11.87 -5.13
C PHE A 277 -8.73 -11.08 -4.56
N SER A 278 -8.59 -9.75 -4.53
CA SER A 278 -9.63 -8.89 -4.02
C SER A 278 -10.81 -8.86 -4.99
N GLU A 279 -10.51 -8.90 -6.29
CA GLU A 279 -11.55 -8.98 -7.32
C GLU A 279 -12.22 -10.35 -7.33
N GLU A 280 -11.39 -11.39 -7.45
CA GLU A 280 -11.85 -12.75 -7.66
C GLU A 280 -12.33 -13.40 -6.35
N ALA A 281 -12.63 -12.56 -5.36
CA ALA A 281 -13.33 -12.99 -4.14
C ALA A 281 -14.69 -12.30 -4.11
N ALA A 282 -14.69 -10.97 -4.18
CA ALA A 282 -15.91 -10.20 -4.43
C ALA A 282 -16.75 -10.92 -5.49
N SER A 283 -16.08 -11.37 -6.54
CA SER A 283 -16.70 -12.17 -7.58
C SER A 283 -17.24 -13.50 -7.06
N TRP A 284 -16.43 -14.25 -6.31
CA TRP A 284 -16.84 -15.58 -5.82
C TRP A 284 -18.03 -15.64 -4.88
N MET A 285 -18.46 -14.49 -4.37
CA MET A 285 -19.60 -14.42 -3.45
C MET A 285 -20.85 -13.94 -4.18
N GLN A 286 -20.73 -12.83 -4.89
CA GLN A 286 -21.65 -12.52 -6.00
C GLN A 286 -22.22 -13.82 -6.59
N GLU A 287 -21.36 -14.82 -6.75
CA GLU A 287 -21.76 -16.12 -7.26
C GLU A 287 -22.44 -17.00 -6.23
N GLN A 288 -21.87 -17.14 -5.03
CA GLN A 288 -22.47 -17.99 -4.00
C GLN A 288 -23.77 -17.42 -3.46
N ARG A 289 -23.84 -16.11 -3.32
CA ARG A 289 -25.01 -15.46 -2.81
C ARG A 289 -26.16 -15.69 -3.77
N ALA A 290 -26.00 -15.21 -4.98
CA ALA A 290 -27.06 -15.25 -5.99
C ALA A 290 -27.47 -16.67 -6.40
N SER A 291 -26.61 -17.66 -6.15
CA SER A 291 -26.90 -19.04 -6.51
C SER A 291 -27.13 -19.88 -5.25
N ALA A 292 -28.11 -19.46 -4.44
CA ALA A 292 -28.44 -20.13 -3.18
C ALA A 292 -29.81 -19.70 -2.64
N TYR A 293 -30.34 -20.49 -1.68
CA TYR A 293 -31.66 -20.24 -1.06
C TYR A 293 -31.59 -19.19 0.05
N VAL A 294 -32.12 -18.01 -0.23
CA VAL A 294 -32.05 -16.88 0.69
C VAL A 294 -33.46 -16.41 1.07
N LYS A 295 -34.03 -17.06 2.09
CA LYS A 295 -35.37 -16.71 2.61
C LYS A 295 -35.29 -16.03 3.97
N ILE A 296 -35.95 -14.88 4.04
CA ILE A 296 -35.81 -13.91 5.14
C ILE A 296 -37.16 -13.63 5.83
N LEU A 297 -37.23 -14.04 7.09
CA LEU A 297 -38.48 -14.13 7.81
C LEU A 297 -38.64 -12.95 8.77
N SER A 298 -39.59 -12.08 8.45
CA SER A 298 -39.91 -10.93 9.30
C SER A 298 -41.12 -11.26 10.17
N VAL B 5 37.05 -10.78 -29.29
CA VAL B 5 37.26 -9.58 -28.40
C VAL B 5 36.25 -9.50 -27.24
N ASP B 6 35.37 -10.49 -27.11
CA ASP B 6 34.30 -10.49 -26.12
C ASP B 6 34.64 -11.40 -24.94
N LYS B 7 35.03 -10.78 -23.83
CA LYS B 7 35.49 -11.49 -22.64
C LYS B 7 34.35 -12.11 -21.83
N VAL B 8 34.72 -12.81 -20.77
CA VAL B 8 33.79 -13.31 -19.79
C VAL B 8 33.76 -12.35 -18.60
N ALA B 9 32.59 -11.73 -18.37
CA ALA B 9 32.30 -10.96 -17.15
C ALA B 9 32.42 -11.86 -15.91
N ALA B 10 31.78 -13.03 -15.94
CA ALA B 10 31.88 -13.99 -14.81
C ALA B 10 31.42 -15.42 -15.11
N VAL B 11 32.15 -16.39 -14.58
CA VAL B 11 31.66 -17.75 -14.55
C VAL B 11 30.61 -17.74 -13.46
N VAL B 12 29.58 -18.58 -13.61
CA VAL B 12 28.43 -18.71 -12.69
C VAL B 12 27.85 -20.11 -12.89
N ASN B 13 28.30 -21.09 -12.10
CA ASN B 13 28.15 -22.48 -12.49
C ASN B 13 28.64 -22.58 -13.94
N ASN B 14 28.81 -23.77 -14.48
CA ASN B 14 29.40 -23.90 -15.83
C ASN B 14 28.63 -23.15 -16.91
N GLY B 15 28.82 -21.84 -16.94
CA GLY B 15 28.15 -20.94 -17.89
C GLY B 15 28.49 -19.51 -17.52
N VAL B 16 28.31 -18.56 -18.43
CA VAL B 16 28.98 -17.27 -18.23
C VAL B 16 28.13 -16.03 -18.41
N VAL B 17 28.48 -14.99 -17.67
CA VAL B 17 28.00 -13.64 -17.94
C VAL B 17 29.05 -13.05 -18.85
N LEU B 18 28.68 -12.29 -19.88
CA LEU B 18 29.69 -11.72 -20.80
C LEU B 18 29.90 -10.22 -20.64
N GLU B 19 31.12 -9.77 -20.90
CA GLU B 19 31.41 -8.33 -20.84
C GLU B 19 30.47 -7.60 -21.76
N SER B 20 30.04 -8.26 -22.82
CA SER B 20 29.03 -7.75 -23.74
C SER B 20 27.62 -7.62 -23.13
N ASP B 21 27.20 -8.66 -22.40
CA ASP B 21 25.91 -8.65 -21.69
C ASP B 21 25.83 -7.44 -20.78
N VAL B 22 26.94 -7.19 -20.07
CA VAL B 22 27.04 -6.08 -19.12
C VAL B 22 27.16 -4.72 -19.79
N ASP B 23 28.05 -4.61 -20.76
CA ASP B 23 28.26 -3.31 -21.37
C ASP B 23 27.07 -2.96 -22.29
N GLY B 24 26.21 -3.94 -22.57
CA GLY B 24 24.96 -3.69 -23.28
C GLY B 24 23.80 -3.32 -22.37
N LEU B 25 23.85 -3.81 -21.14
CA LEU B 25 22.86 -3.46 -20.12
C LEU B 25 23.14 -2.10 -19.48
N MET B 26 24.42 -1.74 -19.38
CA MET B 26 24.83 -0.39 -18.97
C MET B 26 24.34 0.66 -20.00
N GLN B 27 24.20 0.23 -21.25
CA GLN B 27 23.58 1.06 -22.29
C GLN B 27 22.06 1.19 -22.07
N SER B 28 21.40 0.09 -21.72
CA SER B 28 19.97 0.13 -21.43
C SER B 28 19.62 0.90 -20.16
N VAL B 29 20.61 1.08 -19.27
CA VAL B 29 20.40 1.74 -17.98
C VAL B 29 20.53 3.26 -18.04
N LYS B 30 21.67 3.76 -18.52
CA LYS B 30 21.87 5.21 -18.65
C LYS B 30 20.94 5.83 -19.72
N LEU B 31 20.40 4.98 -20.60
CA LEU B 31 19.33 5.33 -21.53
C LEU B 31 18.07 5.83 -20.79
N ASN B 32 17.72 5.17 -19.69
CA ASN B 32 16.62 5.60 -18.84
C ASN B 32 17.01 6.75 -17.91
N ALA B 33 18.16 6.65 -17.26
CA ALA B 33 18.61 7.63 -16.25
C ALA B 33 18.54 9.10 -16.71
N ALA B 34 18.83 9.35 -17.98
CA ALA B 34 18.73 10.70 -18.55
C ALA B 34 17.26 11.10 -18.70
N GLN B 35 16.45 10.17 -19.18
CA GLN B 35 15.01 10.40 -19.38
C GLN B 35 14.25 10.35 -18.06
N ALA B 36 14.49 9.30 -17.28
CA ALA B 36 13.90 9.15 -15.95
C ALA B 36 14.43 10.22 -14.99
N ARG B 37 15.59 10.79 -15.32
CA ARG B 37 16.16 11.94 -14.63
C ARG B 37 16.59 11.62 -13.19
N GLN B 38 17.28 10.50 -13.00
CA GLN B 38 17.84 10.15 -11.69
C GLN B 38 19.31 9.77 -11.88
N GLN B 39 20.15 10.25 -10.97
CA GLN B 39 21.58 9.99 -11.02
C GLN B 39 21.89 8.55 -10.63
N LEU B 40 23.07 8.09 -11.04
CA LEU B 40 23.53 6.72 -10.78
C LEU B 40 24.77 6.79 -9.90
N PRO B 41 25.14 5.67 -9.23
CA PRO B 41 26.33 5.69 -8.37
C PRO B 41 27.63 5.74 -9.17
N ASP B 42 28.76 5.51 -8.49
CA ASP B 42 30.06 5.38 -9.17
C ASP B 42 29.90 4.37 -10.30
N ASP B 43 30.33 4.74 -11.51
CA ASP B 43 30.35 3.80 -12.63
C ASP B 43 31.10 2.51 -12.28
N ALA B 44 31.83 2.55 -11.16
CA ALA B 44 32.62 1.41 -10.66
C ALA B 44 31.80 0.48 -9.78
N THR B 45 31.05 1.04 -8.83
CA THR B 45 30.12 0.25 -8.02
C THR B 45 28.89 -0.12 -8.86
N LEU B 46 28.49 0.78 -9.77
CA LEU B 46 27.39 0.57 -10.73
C LEU B 46 27.57 -0.62 -11.69
N ARG B 47 28.79 -0.79 -12.19
CA ARG B 47 29.14 -1.99 -12.94
C ARG B 47 29.00 -3.18 -11.99
N HIS B 48 29.50 -3.03 -10.77
CA HIS B 48 29.39 -4.08 -9.73
C HIS B 48 27.94 -4.32 -9.28
N GLN B 49 27.03 -3.39 -9.58
CA GLN B 49 25.58 -3.63 -9.43
C GLN B 49 25.12 -4.52 -10.60
N ILE B 50 25.27 -3.98 -11.82
CA ILE B 50 24.77 -4.65 -13.02
C ILE B 50 25.34 -6.05 -13.14
N MET B 51 26.64 -6.18 -12.93
CA MET B 51 27.28 -7.48 -12.78
C MET B 51 26.41 -8.39 -11.90
N GLU B 52 26.15 -7.92 -10.68
CA GLU B 52 25.41 -8.70 -9.70
C GLU B 52 23.98 -9.03 -10.14
N ARG B 53 23.34 -8.11 -10.87
CA ARG B 53 22.03 -8.41 -11.44
C ARG B 53 22.15 -9.55 -12.43
N LEU B 54 23.03 -9.38 -13.42
CA LEU B 54 23.20 -10.33 -14.51
C LEU B 54 23.61 -11.70 -14.04
N ILE B 55 24.37 -11.73 -12.95
CA ILE B 55 24.72 -12.98 -12.27
C ILE B 55 23.47 -13.67 -11.82
N MET B 56 22.61 -12.92 -11.13
CA MET B 56 21.42 -13.49 -10.53
C MET B 56 20.50 -13.97 -11.65
N ASP B 57 20.12 -13.03 -12.52
CA ASP B 57 19.42 -13.32 -13.77
C ASP B 57 19.82 -14.68 -14.29
N GLN B 58 21.14 -14.92 -14.33
CA GLN B 58 21.66 -16.19 -14.77
C GLN B 58 21.28 -17.36 -13.85
N ILE B 59 21.60 -17.28 -12.55
CA ILE B 59 21.39 -18.45 -11.69
C ILE B 59 19.99 -18.96 -11.94
N ILE B 60 19.04 -18.02 -12.02
CA ILE B 60 17.61 -18.28 -12.21
C ILE B 60 17.40 -18.91 -13.56
N LEU B 61 17.83 -18.19 -14.58
CA LEU B 61 17.71 -18.65 -15.96
C LEU B 61 18.23 -20.07 -16.20
N GLN B 62 19.33 -20.44 -15.56
CA GLN B 62 19.83 -21.79 -15.69
C GLN B 62 18.83 -22.76 -15.11
N MET B 63 18.10 -22.31 -14.09
CA MET B 63 16.97 -23.05 -13.55
C MET B 63 15.90 -23.10 -14.63
N GLY B 64 15.70 -21.97 -15.31
CA GLY B 64 14.83 -21.91 -16.47
C GLY B 64 14.94 -23.19 -17.26
N GLN B 65 16.13 -23.50 -17.73
CA GLN B 65 16.35 -24.69 -18.53
C GLN B 65 16.23 -25.95 -17.67
N LYS B 66 16.98 -25.99 -16.57
CA LYS B 66 16.99 -27.15 -15.65
C LYS B 66 15.62 -27.82 -15.64
N MET B 67 14.59 -27.03 -15.38
CA MET B 67 13.21 -27.47 -15.41
C MET B 67 12.61 -26.74 -16.60
N GLY B 68 11.94 -27.46 -17.48
CA GLY B 68 11.52 -26.86 -18.74
C GLY B 68 10.59 -25.70 -18.52
N VAL B 69 10.77 -24.60 -19.23
CA VAL B 69 9.96 -23.38 -19.02
C VAL B 69 9.81 -22.58 -20.29
N LYS B 70 8.60 -22.46 -20.81
CA LYS B 70 8.35 -21.74 -22.08
C LYS B 70 7.90 -20.30 -21.85
N ILE B 71 7.66 -19.57 -22.94
CA ILE B 71 6.82 -18.40 -22.87
C ILE B 71 5.95 -18.33 -24.12
N SER B 72 4.66 -18.59 -23.95
CA SER B 72 3.70 -18.43 -25.02
C SER B 72 4.19 -17.36 -25.99
N ASP B 73 4.57 -17.82 -27.17
CA ASP B 73 4.86 -16.97 -28.32
C ASP B 73 3.89 -15.76 -28.34
N GLU B 74 2.61 -16.04 -28.12
CA GLU B 74 1.54 -15.02 -28.06
C GLU B 74 1.72 -14.09 -26.87
N GLN B 75 2.08 -14.64 -25.72
CA GLN B 75 2.31 -13.86 -24.50
C GLN B 75 3.47 -12.90 -24.70
N LEU B 76 4.59 -13.41 -25.21
CA LEU B 76 5.74 -12.60 -25.47
C LEU B 76 5.36 -11.44 -26.36
N ASP B 77 4.74 -11.75 -27.49
CA ASP B 77 4.28 -10.74 -28.43
C ASP B 77 3.28 -9.79 -27.78
N GLN B 78 2.41 -10.33 -26.93
CA GLN B 78 1.36 -9.53 -26.29
C GLN B 78 2.01 -8.49 -25.36
N ALA B 79 2.78 -8.96 -24.40
CA ALA B 79 3.50 -8.09 -23.48
C ALA B 79 4.15 -6.96 -24.26
N ILE B 80 4.80 -7.30 -25.36
CA ILE B 80 5.48 -6.31 -26.19
C ILE B 80 4.50 -5.31 -26.79
N ALA B 81 3.35 -5.79 -27.22
CA ALA B 81 2.28 -4.89 -27.65
C ALA B 81 1.82 -4.02 -26.47
N ASN B 82 1.63 -4.66 -25.33
CA ASN B 82 1.16 -3.99 -24.12
C ASN B 82 2.18 -2.98 -23.59
N ILE B 83 3.47 -3.27 -23.80
CA ILE B 83 4.54 -2.36 -23.39
C ILE B 83 4.66 -1.23 -24.41
N ALA B 84 4.40 -1.55 -25.67
CA ALA B 84 4.33 -0.53 -26.69
C ALA B 84 3.22 0.45 -26.35
N LYS B 85 1.99 -0.05 -26.24
CA LYS B 85 0.84 0.80 -25.92
C LYS B 85 1.02 1.59 -24.62
N GLN B 86 1.64 0.97 -23.60
CA GLN B 86 1.93 1.64 -22.33
C GLN B 86 2.90 2.81 -22.45
N ASN B 87 3.58 2.92 -23.60
CA ASN B 87 4.50 4.02 -23.84
C ASN B 87 4.04 4.97 -24.95
N ASN B 88 2.76 4.90 -25.30
CA ASN B 88 2.16 5.76 -26.34
C ASN B 88 2.71 5.48 -27.75
N MET B 89 2.89 4.20 -28.10
CA MET B 89 3.39 3.82 -29.43
C MET B 89 2.73 2.54 -29.92
N THR B 90 2.65 2.38 -31.25
CA THR B 90 2.36 1.08 -31.85
C THR B 90 3.68 0.31 -32.03
N LEU B 91 3.60 -0.98 -32.36
CA LEU B 91 4.80 -1.73 -32.70
C LEU B 91 5.56 -1.02 -33.82
N ASP B 92 4.82 -0.55 -34.82
CA ASP B 92 5.38 0.17 -35.96
C ASP B 92 6.14 1.42 -35.52
N GLN B 93 5.56 2.19 -34.60
CA GLN B 93 6.23 3.38 -34.06
C GLN B 93 7.42 3.00 -33.20
N MET B 94 7.20 2.09 -32.27
CA MET B 94 8.24 1.61 -31.37
C MET B 94 9.43 1.07 -32.17
N ARG B 95 9.14 0.26 -33.19
CA ARG B 95 10.16 -0.23 -34.11
C ARG B 95 11.23 0.81 -34.42
N SER B 96 10.78 1.99 -34.85
CA SER B 96 11.68 3.08 -35.21
C SER B 96 12.53 3.54 -34.02
N ARG B 97 11.92 3.57 -32.84
CA ARG B 97 12.63 3.91 -31.60
C ARG B 97 13.72 2.89 -31.32
N LEU B 98 13.45 1.62 -31.60
CA LEU B 98 14.45 0.56 -31.45
C LEU B 98 15.57 0.76 -32.47
N ALA B 99 15.20 1.18 -33.68
CA ALA B 99 16.17 1.46 -34.74
C ALA B 99 16.96 2.73 -34.45
N TYR B 100 16.24 3.79 -34.09
CA TYR B 100 16.86 5.08 -33.79
C TYR B 100 17.84 5.00 -32.62
N ASP B 101 17.42 4.38 -31.52
CA ASP B 101 18.31 4.11 -30.38
C ASP B 101 19.34 3.03 -30.75
N GLY B 102 18.93 2.12 -31.65
CA GLY B 102 19.84 1.16 -32.26
C GLY B 102 19.82 -0.21 -31.61
N LEU B 103 18.75 -0.98 -31.86
CA LEU B 103 18.66 -2.38 -31.44
C LEU B 103 17.86 -3.21 -32.43
N ASN B 104 18.30 -4.46 -32.66
CA ASN B 104 17.54 -5.37 -33.48
C ASN B 104 16.31 -5.81 -32.70
N TYR B 105 15.13 -5.51 -33.26
CA TYR B 105 13.85 -5.89 -32.66
C TYR B 105 13.91 -7.27 -32.05
N ASN B 106 14.49 -8.20 -32.78
CA ASN B 106 14.54 -9.59 -32.35
C ASN B 106 15.59 -9.84 -31.27
N THR B 107 16.65 -9.03 -31.19
CA THR B 107 17.53 -9.06 -30.01
C THR B 107 16.66 -8.73 -28.84
N TYR B 108 15.87 -7.67 -29.00
CA TYR B 108 14.98 -7.14 -27.96
C TYR B 108 13.88 -8.13 -27.56
N ARG B 109 13.10 -8.55 -28.55
CA ARG B 109 12.04 -9.52 -28.30
C ARG B 109 12.62 -10.67 -27.50
N ASN B 110 13.73 -11.23 -27.96
CA ASN B 110 14.40 -12.31 -27.22
C ASN B 110 14.91 -11.85 -25.86
N GLN B 111 15.30 -10.56 -25.78
CA GLN B 111 15.73 -9.95 -24.51
C GLN B 111 14.60 -9.93 -23.49
N ILE B 112 13.39 -9.69 -23.97
CA ILE B 112 12.21 -9.69 -23.10
C ILE B 112 11.90 -11.09 -22.64
N ARG B 113 11.76 -12.01 -23.60
CA ARG B 113 11.51 -13.40 -23.27
C ARG B 113 12.47 -13.84 -22.18
N LYS B 114 13.66 -13.23 -22.14
CA LYS B 114 14.64 -13.50 -21.08
C LYS B 114 14.03 -13.09 -19.74
N GLU B 115 13.57 -11.83 -19.66
CA GLU B 115 12.97 -11.28 -18.44
C GLU B 115 11.81 -12.18 -18.00
N MET B 116 10.88 -12.40 -18.92
CA MET B 116 9.68 -13.22 -18.68
C MET B 116 9.98 -14.60 -18.14
N ILE B 117 10.97 -15.27 -18.71
CA ILE B 117 11.34 -16.61 -18.25
C ILE B 117 11.80 -16.55 -16.79
N ILE B 118 12.51 -15.48 -16.46
CA ILE B 118 13.11 -15.36 -15.14
C ILE B 118 11.97 -15.24 -14.16
N SER B 119 11.09 -14.27 -14.41
CA SER B 119 9.92 -14.04 -13.56
C SER B 119 9.20 -15.39 -13.32
N GLU B 120 8.64 -15.95 -14.39
CA GLU B 120 8.06 -17.30 -14.38
C GLU B 120 8.69 -18.16 -13.29
N VAL B 121 10.01 -18.23 -13.30
CA VAL B 121 10.73 -19.11 -12.40
C VAL B 121 10.81 -18.55 -10.97
N ARG B 122 11.08 -17.26 -10.81
CA ARG B 122 11.22 -16.72 -9.47
C ARG B 122 9.90 -16.86 -8.76
N ASN B 123 8.85 -16.36 -9.40
CA ASN B 123 7.52 -16.39 -8.82
C ASN B 123 7.10 -17.84 -8.56
N ASN B 124 6.81 -18.60 -9.61
CA ASN B 124 6.58 -20.04 -9.47
C ASN B 124 7.32 -20.64 -8.27
N GLU B 125 8.58 -20.26 -8.05
CA GLU B 125 9.40 -20.85 -6.99
C GLU B 125 9.20 -20.25 -5.60
N VAL B 126 8.88 -18.95 -5.54
CA VAL B 126 8.63 -18.28 -4.27
C VAL B 126 7.26 -18.70 -3.76
N ARG B 127 6.23 -18.56 -4.59
CA ARG B 127 4.90 -19.07 -4.25
C ARG B 127 5.00 -20.47 -3.58
N ARG B 128 5.74 -21.39 -4.20
CA ARG B 128 6.07 -22.68 -3.58
C ARG B 128 6.35 -22.61 -2.07
N ARG B 129 7.11 -21.59 -1.68
CA ARG B 129 7.71 -21.50 -0.34
C ARG B 129 6.71 -21.05 0.71
N ILE B 130 5.78 -20.18 0.29
CA ILE B 130 4.81 -19.52 1.16
C ILE B 130 3.86 -20.50 1.83
N THR B 131 3.82 -20.47 3.16
CA THR B 131 2.95 -21.33 3.91
C THR B 131 2.21 -20.48 4.95
N ILE B 132 0.88 -20.43 4.86
CA ILE B 132 0.07 -19.64 5.80
C ILE B 132 -0.89 -20.49 6.63
N LEU B 133 -0.49 -20.83 7.86
CA LEU B 133 -1.39 -21.57 8.75
C LEU B 133 -2.56 -20.62 9.12
N PRO B 134 -3.80 -21.15 9.32
CA PRO B 134 -4.95 -20.30 9.79
C PRO B 134 -4.80 -19.67 11.19
N GLN B 135 -3.99 -20.31 12.04
CA GLN B 135 -3.76 -19.88 13.40
C GLN B 135 -3.30 -18.44 13.44
N GLU B 136 -2.67 -18.03 12.35
CA GLU B 136 -2.17 -16.70 12.21
C GLU B 136 -3.02 -15.82 11.31
N VAL B 137 -3.86 -16.39 10.45
CA VAL B 137 -4.70 -15.53 9.62
C VAL B 137 -5.75 -14.90 10.50
N GLU B 138 -6.25 -15.69 11.46
CA GLU B 138 -7.20 -15.20 12.48
C GLU B 138 -6.56 -14.08 13.31
N SER B 139 -5.58 -14.47 14.13
CA SER B 139 -4.87 -13.51 14.98
C SER B 139 -4.69 -12.15 14.28
N LEU B 140 -3.98 -12.12 13.14
CA LEU B 140 -3.80 -10.86 12.43
C LEU B 140 -5.13 -10.20 12.09
N ALA B 141 -6.10 -10.98 11.61
CA ALA B 141 -7.40 -10.41 11.23
C ALA B 141 -7.99 -9.61 12.40
N GLN B 142 -7.90 -10.20 13.60
CA GLN B 142 -8.47 -9.60 14.83
C GLN B 142 -7.53 -8.57 15.46
N GLN B 143 -6.53 -8.16 14.68
CA GLN B 143 -5.61 -7.06 15.03
C GLN B 143 -5.89 -5.86 14.14
N VAL B 144 -6.31 -6.09 12.91
CA VAL B 144 -6.69 -4.99 12.00
C VAL B 144 -8.12 -4.46 12.29
N GLY B 145 -8.88 -5.18 13.12
CA GLY B 145 -10.18 -4.70 13.57
C GLY B 145 -10.08 -3.30 14.15
N ASN B 146 -9.44 -3.18 15.30
CA ASN B 146 -9.17 -1.89 15.92
C ASN B 146 -7.97 -1.25 15.25
N GLN B 147 -8.18 -0.78 14.01
CA GLN B 147 -7.10 -0.19 13.22
C GLN B 147 -7.63 0.54 11.97
N ASN B 148 -8.61 -0.06 11.30
CA ASN B 148 -9.13 0.43 10.01
C ASN B 148 -9.37 1.95 9.94
N ASP B 149 -8.29 2.72 9.88
CA ASP B 149 -8.35 4.18 9.79
C ASP B 149 -8.36 4.59 8.30
N ALA B 150 -9.50 4.42 7.62
CA ALA B 150 -9.59 4.63 6.15
C ALA B 150 -9.59 6.12 5.72
N SER B 151 -10.79 6.71 5.56
CA SER B 151 -10.94 8.15 5.29
C SER B 151 -11.37 8.81 6.60
N THR B 152 -10.50 8.67 7.59
CA THR B 152 -10.78 9.02 8.96
C THR B 152 -10.66 10.53 9.20
N GLU B 153 -11.49 11.05 10.11
CA GLU B 153 -11.34 12.42 10.62
C GLU B 153 -10.41 12.35 11.82
N LEU B 154 -9.55 13.34 11.95
CA LEU B 154 -8.45 13.24 12.89
C LEU B 154 -7.92 14.62 13.26
N ASN B 155 -7.94 14.89 14.56
CA ASN B 155 -7.45 16.14 15.11
C ASN B 155 -6.14 15.91 15.85
N LEU B 156 -5.17 16.78 15.60
CA LEU B 156 -3.83 16.58 16.14
C LEU B 156 -3.28 17.86 16.70
N SER B 157 -2.33 17.70 17.62
CA SER B 157 -1.40 18.73 18.02
C SER B 157 -0.09 18.28 17.44
N HIS B 158 0.93 19.11 17.55
CA HIS B 158 2.20 18.88 16.85
C HIS B 158 3.33 19.71 17.42
N ILE B 159 4.32 19.00 17.96
CA ILE B 159 5.60 19.59 18.28
C ILE B 159 6.44 19.42 17.02
N LEU B 160 7.45 20.26 16.90
CA LEU B 160 8.52 20.02 15.96
C LEU B 160 9.79 20.37 16.67
N ILE B 161 10.81 19.56 16.48
CA ILE B 161 12.12 19.90 16.98
C ILE B 161 13.00 20.44 15.82
N PRO B 162 13.74 21.54 16.08
CA PRO B 162 14.49 22.17 15.00
C PRO B 162 15.73 21.38 14.59
N LEU B 163 15.93 21.21 13.28
CA LEU B 163 17.17 20.64 12.73
C LEU B 163 17.67 21.41 11.48
N PRO B 164 18.93 21.92 11.50
CA PRO B 164 19.48 22.64 10.33
C PRO B 164 19.43 21.86 9.00
N GLU B 165 19.69 22.52 7.87
CA GLU B 165 19.50 21.93 6.53
C GLU B 165 20.42 20.73 6.30
N ASN B 166 21.69 20.88 6.67
CA ASN B 166 22.66 19.79 6.72
C ASN B 166 23.13 19.64 8.16
N PRO B 167 22.55 18.68 8.89
CA PRO B 167 22.72 18.63 10.35
C PRO B 167 24.02 17.95 10.75
N THR B 168 24.31 17.99 12.04
CA THR B 168 25.52 17.40 12.60
C THR B 168 25.14 16.35 13.64
N SER B 169 25.69 15.14 13.52
CA SER B 169 25.43 14.05 14.45
C SER B 169 25.04 14.51 15.87
N ASP B 170 25.83 15.39 16.47
CA ASP B 170 25.56 15.92 17.81
C ASP B 170 24.17 16.51 17.95
N GLN B 171 23.86 17.47 17.08
CA GLN B 171 22.53 18.07 17.03
C GLN B 171 21.49 16.97 16.88
N VAL B 172 21.66 16.15 15.83
CA VAL B 172 20.69 15.12 15.47
C VAL B 172 20.42 14.19 16.64
N ASN B 173 21.48 13.77 17.33
CA ASN B 173 21.32 12.91 18.49
C ASN B 173 20.70 13.68 19.66
N GLU B 174 21.29 14.83 20.00
CA GLU B 174 20.78 15.67 21.09
C GLU B 174 19.37 16.21 20.80
N ALA B 175 19.01 16.25 19.52
CA ALA B 175 17.65 16.59 19.09
C ALA B 175 16.69 15.44 19.33
N GLU B 176 16.96 14.29 18.71
CA GLU B 176 16.13 13.10 18.93
C GLU B 176 16.00 12.79 20.41
N SER B 177 17.09 13.01 21.16
CA SER B 177 17.09 12.84 22.62
C SER B 177 16.01 13.69 23.28
N GLN B 178 16.08 15.00 23.05
CA GLN B 178 15.06 15.94 23.55
C GLN B 178 13.66 15.56 23.05
N ALA B 179 13.58 15.12 21.79
CA ALA B 179 12.33 14.74 21.16
C ALA B 179 11.74 13.46 21.74
N ARG B 180 12.59 12.52 22.15
CA ARG B 180 12.11 11.34 22.86
C ARG B 180 11.53 11.77 24.20
N ALA B 181 12.35 12.50 24.96
CA ALA B 181 11.99 12.95 26.30
C ALA B 181 10.66 13.66 26.36
N ILE B 182 10.42 14.53 25.38
CA ILE B 182 9.15 15.22 25.27
C ILE B 182 8.05 14.19 25.15
N VAL B 183 8.26 13.18 24.30
CA VAL B 183 7.29 12.10 24.16
C VAL B 183 7.17 11.33 25.47
N ASP B 184 8.28 11.08 26.16
CA ASP B 184 8.26 10.41 27.47
C ASP B 184 7.44 11.19 28.50
N GLN B 185 7.44 12.52 28.37
CA GLN B 185 6.60 13.40 29.20
C GLN B 185 5.19 13.58 28.61
N ALA B 186 5.02 13.17 27.35
CA ALA B 186 3.76 13.35 26.62
C ALA B 186 2.73 12.32 27.03
N ARG B 187 3.20 11.17 27.51
CA ARG B 187 2.32 10.13 28.01
C ARG B 187 2.31 10.20 29.54
N ASN B 188 2.19 11.42 30.07
CA ASN B 188 2.17 11.66 31.52
C ASN B 188 1.26 12.83 31.86
N ASP B 191 0.78 18.52 30.02
CA ASP B 191 -0.02 18.66 28.79
C ASP B 191 0.89 18.83 27.57
N PHE B 192 0.36 18.47 26.41
CA PHE B 192 1.12 18.50 25.17
C PHE B 192 1.18 19.91 24.64
N GLY B 193 0.00 20.53 24.49
CA GLY B 193 -0.10 21.93 24.08
C GLY B 193 0.90 22.82 24.80
N LYS B 194 1.02 22.62 26.11
CA LYS B 194 1.94 23.37 26.95
C LYS B 194 3.41 23.02 26.71
N LEU B 195 3.67 21.93 26.00
CA LEU B 195 5.03 21.58 25.56
C LEU B 195 5.31 22.11 24.16
N ALA B 196 4.25 22.39 23.41
CA ALA B 196 4.37 23.12 22.14
C ALA B 196 5.12 24.41 22.45
N ILE B 197 4.45 25.25 23.24
CA ILE B 197 4.99 26.48 23.78
C ILE B 197 6.39 26.28 24.35
N ALA B 198 6.67 25.11 24.89
CA ALA B 198 7.97 24.84 25.46
C ALA B 198 9.04 24.70 24.39
N HIS B 199 8.91 23.71 23.51
CA HIS B 199 9.99 23.40 22.55
C HIS B 199 9.60 23.25 21.09
N SER B 200 8.34 23.45 20.72
CA SER B 200 7.95 23.36 19.31
C SER B 200 8.58 24.50 18.56
N ALA B 201 9.38 24.17 17.55
CA ALA B 201 9.99 25.18 16.69
C ALA B 201 8.95 25.87 15.83
N ASP B 202 7.87 25.14 15.48
CA ASP B 202 6.90 25.60 14.47
C ASP B 202 5.94 26.77 14.89
N GLN B 203 5.15 27.21 13.92
CA GLN B 203 4.30 28.39 14.06
C GLN B 203 3.18 28.18 15.06
N GLN B 204 2.53 27.02 14.96
CA GLN B 204 1.34 26.69 15.77
C GLN B 204 1.59 26.63 17.30
N ALA B 205 2.83 26.37 17.69
CA ALA B 205 3.27 26.30 19.08
C ALA B 205 2.54 27.20 20.07
N LEU B 206 2.29 28.45 19.68
CA LEU B 206 1.65 29.41 20.58
C LEU B 206 0.15 29.11 20.73
N ASN B 207 -0.49 28.76 19.60
CA ASN B 207 -1.86 28.24 19.55
C ASN B 207 -1.91 26.79 20.11
N GLY B 208 -0.71 26.32 20.55
CA GLY B 208 -0.40 24.91 21.24
C GLY B 208 0.03 23.61 20.40
N GLY B 209 0.61 23.82 19.22
CA GLY B 209 0.54 22.80 18.23
C GLY B 209 -0.92 22.56 17.84
N GLN B 210 -1.91 23.12 18.54
CA GLN B 210 -3.29 22.91 18.10
C GLN B 210 -3.31 22.99 16.54
N MET B 211 -3.70 21.91 15.87
CA MET B 211 -3.61 21.81 14.39
C MET B 211 -4.93 21.51 13.67
N GLY B 212 -5.96 21.05 14.40
CA GLY B 212 -7.31 20.95 13.85
C GLY B 212 -7.64 19.61 13.25
N TRP B 213 -8.79 19.52 12.59
CA TRP B 213 -9.26 18.28 11.99
C TRP B 213 -8.63 18.06 10.61
N GLY B 214 -7.84 17.00 10.47
CA GLY B 214 -7.34 16.56 9.19
C GLY B 214 -7.86 15.17 8.84
N ARG B 215 -8.10 14.93 7.55
CA ARG B 215 -8.39 13.58 7.07
C ARG B 215 -7.04 12.88 6.91
N ILE B 216 -6.90 11.70 7.49
CA ILE B 216 -5.61 10.96 7.50
C ILE B 216 -4.83 11.03 6.17
N GLN B 217 -5.57 11.00 5.06
CA GLN B 217 -4.98 11.07 3.72
C GLN B 217 -4.39 12.44 3.34
N GLU B 218 -5.02 13.50 3.82
CA GLU B 218 -4.54 14.89 3.61
C GLU B 218 -3.26 15.17 4.42
N LEU B 219 -2.96 14.36 5.42
CA LEU B 219 -1.71 14.50 6.17
C LEU B 219 -0.51 14.10 5.30
N PRO B 220 0.69 14.61 5.63
CA PRO B 220 1.90 14.13 4.99
C PRO B 220 2.08 12.60 5.12
N GLY B 221 2.41 11.95 4.00
CA GLY B 221 2.54 10.49 3.95
C GLY B 221 3.50 9.88 4.96
N ILE B 222 4.40 10.68 5.51
CA ILE B 222 5.36 10.18 6.48
C ILE B 222 4.84 10.21 7.91
N PHE B 223 3.59 10.65 8.07
CA PHE B 223 2.90 10.51 9.33
C PHE B 223 1.96 9.31 9.22
N ALA B 224 1.13 9.32 8.17
CA ALA B 224 0.18 8.24 7.91
C ALA B 224 0.69 6.84 8.31
N GLN B 225 1.90 6.49 7.87
CA GLN B 225 2.53 5.22 8.23
C GLN B 225 2.26 4.79 9.67
N ALA B 226 2.44 5.72 10.60
CA ALA B 226 2.41 5.40 12.03
C ALA B 226 1.12 5.86 12.74
N LEU B 227 0.11 6.22 11.96
CA LEU B 227 -1.12 6.74 12.54
C LEU B 227 -2.26 5.74 12.47
N SER B 228 -2.44 5.10 11.31
CA SER B 228 -3.51 4.11 11.15
C SER B 228 -3.53 3.06 12.27
N THR B 229 -2.35 2.74 12.80
CA THR B 229 -2.21 1.84 13.95
C THR B 229 -2.21 2.57 15.31
N ALA B 230 -3.02 3.62 15.43
CA ALA B 230 -3.10 4.44 16.66
C ALA B 230 -4.39 5.29 16.67
N LYS B 231 -4.81 5.66 17.88
CA LYS B 231 -6.13 6.29 18.11
C LYS B 231 -6.12 7.20 19.35
N LYS B 232 -7.19 7.98 19.53
CA LYS B 232 -7.26 9.11 20.49
C LYS B 232 -6.41 8.94 21.76
N GLY B 233 -5.80 10.04 22.21
CA GLY B 233 -4.98 10.03 23.42
C GLY B 233 -3.55 9.50 23.23
N ASP B 234 -3.24 9.03 22.02
CA ASP B 234 -1.93 8.43 21.69
C ASP B 234 -0.85 9.47 21.36
N ILE B 235 0.40 9.12 21.60
CA ILE B 235 1.49 9.94 21.14
C ILE B 235 2.20 9.19 20.02
N VAL B 236 2.65 9.94 19.02
CA VAL B 236 3.26 9.39 17.81
C VAL B 236 4.68 9.93 17.69
N GLY B 237 5.54 9.24 16.94
CA GLY B 237 6.91 9.68 16.76
C GLY B 237 7.69 9.52 18.04
N PRO B 238 8.85 10.19 18.16
CA PRO B 238 9.43 11.17 17.24
C PRO B 238 9.71 10.65 15.83
N ILE B 239 9.28 11.40 14.82
CA ILE B 239 9.49 11.06 13.44
C ILE B 239 10.50 12.04 12.86
N ARG B 240 11.41 11.52 12.02
CA ARG B 240 12.43 12.33 11.33
C ARG B 240 11.92 12.88 10.01
N SER B 241 12.18 14.17 9.75
CA SER B 241 11.96 14.76 8.42
C SER B 241 12.92 15.92 8.16
N GLY B 242 12.78 16.55 7.00
CA GLY B 242 13.63 17.65 6.59
C GLY B 242 13.77 18.72 7.66
N VAL B 243 12.64 19.26 8.11
CA VAL B 243 12.64 20.28 9.15
C VAL B 243 13.22 19.73 10.48
N GLY B 244 13.02 18.44 10.71
CA GLY B 244 13.55 17.76 11.89
C GLY B 244 12.56 16.79 12.49
N PHE B 245 12.57 16.69 13.81
CA PHE B 245 11.79 15.68 14.52
C PHE B 245 10.41 16.13 14.92
N HIS B 246 9.43 15.40 14.43
CA HIS B 246 8.05 15.66 14.75
C HIS B 246 7.62 14.79 15.91
N ILE B 247 6.44 15.07 16.45
CA ILE B 247 5.87 14.37 17.62
C ILE B 247 4.43 14.77 17.55
N LEU B 248 3.49 13.94 17.95
CA LEU B 248 2.13 14.46 17.92
C LEU B 248 1.11 13.72 18.74
N LYS B 249 0.19 14.50 19.30
CA LYS B 249 -0.94 14.01 20.07
C LYS B 249 -2.09 13.79 19.10
N VAL B 250 -3.01 12.95 19.53
CA VAL B 250 -4.20 12.69 18.79
C VAL B 250 -5.33 13.30 19.61
N ASN B 251 -6.46 13.58 18.98
CA ASN B 251 -7.59 14.17 19.68
C ASN B 251 -8.98 13.59 19.35
N ASP B 252 -9.22 13.14 18.12
CA ASP B 252 -10.54 12.59 17.78
C ASP B 252 -10.59 11.70 16.54
N LEU B 253 -11.73 11.01 16.36
CA LEU B 253 -11.95 10.09 15.23
C LEU B 253 -13.45 9.95 14.89
N ALA B 262 -15.76 -12.20 6.64
CA ALA B 262 -15.57 -10.76 6.82
C ALA B 262 -14.58 -10.21 5.81
N ALA B 263 -14.60 -8.89 5.65
CA ALA B 263 -13.70 -8.21 4.72
C ALA B 263 -12.44 -7.65 5.40
N GLN B 264 -12.30 -7.90 6.70
CA GLN B 264 -11.04 -7.65 7.42
C GLN B 264 -10.20 -8.94 7.48
N LYS B 265 -10.82 -10.08 7.16
CA LYS B 265 -10.14 -11.37 6.94
C LYS B 265 -9.67 -11.46 5.48
N ASP B 266 -10.19 -10.56 4.66
CA ASP B 266 -9.72 -10.29 3.31
C ASP B 266 -8.36 -9.54 3.47
N ARG B 267 -8.45 -8.33 4.03
CA ARG B 267 -7.28 -7.52 4.39
C ARG B 267 -6.28 -8.42 5.10
N ALA B 268 -6.78 -9.21 6.04
CA ALA B 268 -5.93 -10.08 6.85
C ALA B 268 -5.12 -11.03 5.99
N TYR B 269 -5.81 -11.77 5.14
CA TYR B 269 -5.15 -12.73 4.26
C TYR B 269 -4.19 -12.01 3.34
N ARG B 270 -4.72 -11.08 2.54
CA ARG B 270 -3.85 -10.30 1.66
C ARG B 270 -2.57 -9.86 2.42
N MET B 271 -2.75 -9.25 3.59
CA MET B 271 -1.63 -8.90 4.47
C MET B 271 -0.52 -9.96 4.44
N LEU B 272 -0.86 -11.18 4.88
CA LEU B 272 0.08 -12.34 4.86
C LEU B 272 0.51 -12.79 3.44
N MET B 273 -0.46 -13.25 2.64
CA MET B 273 -0.19 -13.66 1.28
C MET B 273 0.91 -12.76 0.77
N ASN B 274 0.81 -11.45 1.07
CA ASN B 274 1.80 -10.45 0.63
C ASN B 274 3.12 -10.34 1.43
N ARG B 275 3.08 -9.99 2.71
CA ARG B 275 4.32 -9.94 3.50
C ARG B 275 5.12 -11.23 3.36
N LYS B 276 4.45 -12.36 3.40
CA LYS B 276 5.12 -13.66 3.31
C LYS B 276 5.82 -13.86 1.97
N PHE B 277 5.21 -13.40 0.89
CA PHE B 277 5.86 -13.48 -0.42
C PHE B 277 7.14 -12.66 -0.38
N SER B 278 7.01 -11.35 -0.12
CA SER B 278 8.15 -10.44 -0.09
C SER B 278 9.29 -10.96 0.79
N GLU B 279 8.90 -11.51 1.92
CA GLU B 279 9.85 -12.04 2.89
C GLU B 279 10.55 -13.28 2.35
N GLU B 280 9.83 -14.07 1.55
CA GLU B 280 10.27 -15.41 1.15
C GLU B 280 10.88 -15.43 -0.24
N ALA B 281 10.64 -14.36 -1.00
CA ALA B 281 11.42 -14.10 -2.19
C ALA B 281 12.82 -13.76 -1.70
N ALA B 282 12.98 -12.56 -1.13
CA ALA B 282 14.26 -12.12 -0.56
C ALA B 282 15.04 -13.25 0.10
N SER B 283 14.31 -14.19 0.71
CA SER B 283 14.94 -15.36 1.32
C SER B 283 15.50 -16.34 0.28
N TRP B 284 14.75 -16.62 -0.78
CA TRP B 284 15.16 -17.60 -1.82
C TRP B 284 16.26 -17.07 -2.70
N MET B 285 16.18 -15.78 -3.05
CA MET B 285 17.23 -15.13 -3.80
C MET B 285 18.56 -15.40 -3.12
N GLN B 286 18.75 -14.87 -1.92
CA GLN B 286 19.99 -15.14 -1.18
C GLN B 286 20.34 -16.63 -1.04
N GLU B 287 19.36 -17.53 -1.15
CA GLU B 287 19.65 -18.95 -1.08
C GLU B 287 20.18 -19.51 -2.39
N GLN B 288 20.03 -18.76 -3.48
CA GLN B 288 20.44 -19.23 -4.80
C GLN B 288 21.82 -18.69 -5.17
N ARG B 289 22.08 -17.44 -4.83
CA ARG B 289 23.44 -16.89 -4.87
C ARG B 289 24.38 -17.68 -3.96
N ALA B 290 23.81 -18.39 -3.00
CA ALA B 290 24.56 -19.30 -2.14
C ALA B 290 24.84 -20.61 -2.84
N SER B 291 23.79 -21.33 -3.25
CA SER B 291 23.98 -22.63 -3.88
C SER B 291 24.44 -22.43 -5.31
N ALA B 292 25.71 -22.06 -5.45
CA ALA B 292 26.21 -21.57 -6.73
C ALA B 292 27.71 -21.28 -6.73
N TYR B 293 28.42 -21.85 -7.71
CA TYR B 293 29.75 -21.36 -8.07
C TYR B 293 29.60 -20.02 -8.80
N VAL B 294 30.43 -19.07 -8.42
CA VAL B 294 30.45 -17.80 -9.12
C VAL B 294 31.71 -17.02 -8.83
N LYS B 295 32.41 -16.68 -9.92
CA LYS B 295 33.65 -15.94 -9.92
C LYS B 295 33.44 -14.80 -10.90
N ILE B 296 33.91 -13.63 -10.51
CA ILE B 296 33.77 -12.43 -11.31
C ILE B 296 35.15 -12.15 -11.89
N LEU B 297 35.18 -11.63 -13.11
CA LEU B 297 36.45 -11.42 -13.79
C LEU B 297 36.45 -9.99 -14.34
N SER B 298 36.95 -9.05 -13.52
CA SER B 298 36.93 -7.63 -13.88
C SER B 298 37.99 -7.32 -14.94
N ASN C 1 11.41 19.55 4.05
CA ASN C 1 11.71 20.80 3.30
C ASN C 1 10.47 21.70 3.24
N PHE C 2 9.39 21.16 2.71
CA PHE C 2 8.09 21.81 2.77
C PHE C 2 7.06 21.05 3.61
N THR C 3 7.41 19.85 4.10
CA THR C 3 6.47 18.98 4.84
C THR C 3 5.44 19.83 5.60
N LEU C 4 5.94 20.85 6.29
CA LEU C 4 5.12 21.71 7.13
C LEU C 4 4.31 22.73 6.34
N LYS C 5 5.00 23.71 5.73
CA LYS C 5 4.38 24.70 4.81
C LYS C 5 3.13 24.14 4.15
N PHE C 6 3.23 22.87 3.77
CA PHE C 6 2.19 22.11 3.09
C PHE C 6 1.10 21.53 4.01
N TRP C 7 1.53 20.87 5.10
CA TRP C 7 0.59 20.38 6.10
C TRP C 7 -0.33 21.52 6.50
N ASP C 8 0.28 22.64 6.90
CA ASP C 8 -0.44 23.90 7.10
C ASP C 8 -1.16 24.30 5.80
N ILE C 9 -1.90 23.37 5.20
CA ILE C 9 -3.05 23.68 4.34
C ILE C 9 -4.27 22.80 4.74
N PHE C 10 -4.09 21.88 5.70
CA PHE C 10 -5.10 20.85 5.96
C PHE C 10 -5.43 20.66 7.44
#